data_8ZXM
#
_entry.id   8ZXM
#
_cell.length_a   1.00
_cell.length_b   1.00
_cell.length_c   1.00
_cell.angle_alpha   90.00
_cell.angle_beta   90.00
_cell.angle_gamma   90.00
#
_symmetry.space_group_name_H-M   'P 1'
#
loop_
_entity.id
_entity.type
_entity.pdbx_description
1 polymer 'Solute carrier family 2, facilitated glucose transporter member 9'
2 branched 2-acetamido-2-deoxy-beta-D-glucopyranose-(1-4)-2-acetamido-2-deoxy-beta-D-glucopyranose
3 non-polymer 'URIC ACID'
#
_entity_poly.entity_id   1
_entity_poly.type   'polypeptide(L)'
_entity_poly.pdbx_seq_one_letter_code
;MARKQNRNSKELGLVPLTDDTSHAGPPGPGRALLECDHLRSGVPGGRRRKDWSCSLLVASLAGAFGSSFLYGYNLSVVNA
PTPYIKAFYNESWERRHGRPIDPDTLTLLWSVTVSIFAIGGLVGTLIVKMIGKVLGRKHTLLANNGFAISAALLMACSLQ
AGAFEMLIVGRFIMGIDGGVALSVLPMYLSEISPKEIRGSLGQVTAIFICIGVFTGQLLGLPELLGKESTWPYLFGVIVV
PAVVQLLSLPFLPDSPRYLLLEKHNEARAVKAFQTFLGKADVSQEVEEVLAESRVQRSIRLVSVLELLRAPYVRWQVVTV
IVTMACYQLCGLNAIWFYTNSIFGKAGIPPAKIPYVTLSTGGIETLAAVFSGLVIEHLGRRPLLIGGFGLMGLFFGTLTI
TLTLQDHAPWVPYLSIVGILAIIASFCSGPGGIPFILTGEFFQQSQRPAAFIIAGTVNWLSNFAVGLLFPFIQKSLDTYC
FLVFATICITGAIYLYFVLPETKNRTYAEISQAFSKRNKAYPPEEKIDSAVTDGKINGRPGTENLYFQ
;
_entity_poly.pdbx_strand_id   A
#
loop_
_chem_comp.id
_chem_comp.type
_chem_comp.name
_chem_comp.formula
NAG D-saccharide, beta linking 2-acetamido-2-deoxy-beta-D-glucopyranose 'C8 H15 N O6'
URC non-polymer 'URIC ACID' 'C5 H4 N4 O3'
#
# COMPACT_ATOMS: atom_id res chain seq x y z
N TRP A 52 10.05 -17.30 18.55
CA TRP A 52 10.69 -17.14 17.22
C TRP A 52 11.64 -18.30 16.95
N SER A 53 11.92 -18.52 15.65
CA SER A 53 12.84 -19.55 15.17
C SER A 53 13.54 -19.04 13.91
N CYS A 54 14.69 -19.60 13.55
CA CYS A 54 15.50 -19.07 12.47
C CYS A 54 14.71 -18.99 11.16
N SER A 55 14.02 -20.08 10.79
CA SER A 55 13.29 -20.16 9.53
C SER A 55 12.13 -19.15 9.49
N LEU A 56 11.54 -18.82 10.65
CA LEU A 56 10.46 -17.84 10.70
C LEU A 56 10.99 -16.42 10.58
N LEU A 57 12.22 -16.15 11.05
CA LEU A 57 12.84 -14.84 10.87
C LEU A 57 13.11 -14.61 9.39
N VAL A 58 13.83 -15.51 8.71
CA VAL A 58 14.17 -15.28 7.31
C VAL A 58 12.92 -15.30 6.43
N ALA A 59 11.93 -16.16 6.72
CA ALA A 59 10.67 -16.14 5.97
C ALA A 59 9.94 -14.81 6.12
N SER A 60 10.01 -14.17 7.31
CA SER A 60 9.37 -12.89 7.57
C SER A 60 10.11 -11.75 6.86
N LEU A 61 11.45 -11.71 7.02
CA LEU A 61 12.26 -10.62 6.52
C LEU A 61 12.48 -10.73 5.01
N ALA A 62 13.01 -11.86 4.51
CA ALA A 62 13.22 -12.02 3.07
C ALA A 62 11.90 -12.15 2.31
N GLY A 63 10.81 -12.47 3.00
CA GLY A 63 9.47 -12.29 2.47
C GLY A 63 9.14 -10.82 2.23
N ALA A 64 9.18 -10.00 3.29
CA ALA A 64 8.81 -8.60 3.21
C ALA A 64 9.77 -7.80 2.32
N PHE A 65 11.08 -8.08 2.38
CA PHE A 65 12.11 -7.27 1.74
C PHE A 65 12.04 -7.33 0.21
N GLY A 66 11.43 -8.38 -0.34
CA GLY A 66 11.30 -8.50 -1.79
C GLY A 66 9.89 -8.25 -2.32
N SER A 67 8.92 -7.94 -1.44
CA SER A 67 7.51 -8.01 -1.79
C SER A 67 6.68 -6.85 -1.24
N SER A 68 7.04 -6.34 -0.06
CA SER A 68 6.36 -5.18 0.52
C SER A 68 7.26 -3.94 0.39
N PHE A 69 8.54 -4.10 0.68
CA PHE A 69 9.51 -3.02 0.53
C PHE A 69 9.51 -2.48 -0.91
N LEU A 70 9.38 -3.33 -1.93
CA LEU A 70 9.37 -2.83 -3.29
C LEU A 70 8.01 -2.22 -3.67
N TYR A 71 6.99 -2.26 -2.82
CA TYR A 71 5.84 -1.38 -3.03
C TYR A 71 6.19 -0.02 -2.45
N GLY A 72 6.63 0.01 -1.20
CA GLY A 72 6.99 1.24 -0.51
C GLY A 72 8.08 2.03 -1.24
N TYR A 73 9.07 1.35 -1.83
CA TYR A 73 10.09 2.00 -2.63
C TYR A 73 9.52 2.57 -3.92
N ASN A 74 8.70 1.80 -4.63
CA ASN A 74 8.18 2.22 -5.92
C ASN A 74 7.20 3.39 -5.85
N LEU A 75 6.62 3.70 -4.68
CA LEU A 75 5.77 4.87 -4.58
C LEU A 75 6.50 6.09 -4.02
N SER A 76 7.83 6.05 -3.90
CA SER A 76 8.58 7.26 -3.58
C SER A 76 9.82 7.45 -4.45
N VAL A 77 10.31 6.40 -5.12
CA VAL A 77 11.48 6.52 -5.99
C VAL A 77 11.23 7.51 -7.12
N VAL A 78 9.96 7.67 -7.51
CA VAL A 78 9.55 8.48 -8.65
C VAL A 78 9.56 9.97 -8.31
N ASN A 79 9.68 10.35 -7.02
CA ASN A 79 9.72 11.74 -6.61
C ASN A 79 11.00 12.45 -7.05
N ALA A 80 12.16 11.95 -6.60
CA ALA A 80 13.45 12.66 -6.71
C ALA A 80 13.87 12.93 -8.16
N PRO A 81 13.79 11.99 -9.13
CA PRO A 81 14.18 12.27 -10.51
C PRO A 81 13.12 12.98 -11.36
N THR A 82 12.09 13.56 -10.75
CA THR A 82 11.01 14.25 -11.50
C THR A 82 11.56 15.26 -12.50
N PRO A 83 12.50 16.18 -12.17
CA PRO A 83 12.96 17.19 -13.12
C PRO A 83 13.90 16.68 -14.21
N TYR A 84 14.45 15.46 -14.04
CA TYR A 84 15.34 14.83 -15.00
C TYR A 84 14.54 13.95 -15.97
N ILE A 85 13.50 13.28 -15.48
CA ILE A 85 12.66 12.47 -16.35
C ILE A 85 11.83 13.40 -17.25
N LYS A 86 11.14 14.39 -16.70
CA LYS A 86 10.28 15.22 -17.55
C LYS A 86 11.11 15.81 -18.67
N ALA A 87 12.42 16.01 -18.44
CA ALA A 87 13.29 16.59 -19.45
C ALA A 87 13.57 15.59 -20.56
N PHE A 88 13.74 14.30 -20.22
CA PHE A 88 13.94 13.25 -21.22
C PHE A 88 12.66 13.08 -22.06
N TYR A 89 11.47 13.29 -21.48
CA TYR A 89 10.26 13.21 -22.30
C TYR A 89 10.32 14.31 -23.36
N ASN A 90 10.64 15.54 -22.93
CA ASN A 90 10.73 16.68 -23.83
C ASN A 90 11.58 16.31 -25.05
N GLU A 91 12.82 15.85 -24.82
CA GLU A 91 13.74 15.55 -25.92
C GLU A 91 13.20 14.36 -26.72
N SER A 92 12.76 13.30 -26.04
CA SER A 92 12.31 12.08 -26.71
C SER A 92 10.98 12.30 -27.46
N TRP A 93 10.36 13.48 -27.30
CA TRP A 93 9.15 13.82 -28.05
C TRP A 93 9.52 14.74 -29.21
N GLU A 94 10.74 15.28 -29.22
CA GLU A 94 11.22 16.08 -30.32
C GLU A 94 11.90 15.21 -31.38
N ARG A 95 12.70 14.22 -30.95
CA ARG A 95 13.46 13.40 -31.88
C ARG A 95 12.61 12.25 -32.45
N ARG A 96 11.28 12.25 -32.23
CA ARG A 96 10.39 11.26 -32.82
C ARG A 96 9.18 11.93 -33.50
N HIS A 97 8.59 12.95 -32.88
CA HIS A 97 7.36 13.56 -33.37
C HIS A 97 7.61 14.90 -34.08
N GLY A 98 8.84 15.44 -34.01
CA GLY A 98 9.26 16.53 -34.90
C GLY A 98 8.84 17.93 -34.45
N ARG A 99 8.30 18.08 -33.23
CA ARG A 99 7.96 19.39 -32.66
C ARG A 99 8.11 19.35 -31.14
N PRO A 100 8.37 20.51 -30.48
CA PRO A 100 8.46 20.57 -29.01
C PRO A 100 7.17 20.15 -28.31
N ILE A 101 7.31 19.53 -27.13
CA ILE A 101 6.16 19.07 -26.36
C ILE A 101 5.53 20.26 -25.64
N ASP A 102 4.19 20.34 -25.66
CA ASP A 102 3.44 21.41 -25.01
C ASP A 102 3.34 21.11 -23.52
N PRO A 103 3.32 22.15 -22.63
CA PRO A 103 3.32 21.93 -21.19
C PRO A 103 2.23 21.03 -20.59
N ASP A 104 1.05 20.99 -21.23
CA ASP A 104 -0.05 20.14 -20.77
C ASP A 104 0.22 18.68 -21.13
N THR A 105 0.67 18.40 -22.36
CA THR A 105 0.99 17.03 -22.73
C THR A 105 2.11 16.49 -21.85
N LEU A 106 3.11 17.34 -21.54
CA LEU A 106 4.21 16.95 -20.67
C LEU A 106 3.73 16.69 -19.23
N THR A 107 2.84 17.54 -18.71
CA THR A 107 2.26 17.31 -17.39
C THR A 107 1.41 16.02 -17.37
N LEU A 108 0.72 15.72 -18.48
CA LEU A 108 -0.06 14.49 -18.58
C LEU A 108 0.85 13.25 -18.65
N LEU A 109 1.89 13.26 -19.50
CA LEU A 109 2.77 12.10 -19.59
C LEU A 109 3.43 11.81 -18.24
N TRP A 110 3.69 12.85 -17.45
CA TRP A 110 4.25 12.62 -16.12
C TRP A 110 3.16 12.09 -15.17
N SER A 111 1.97 12.69 -15.15
CA SER A 111 0.88 12.20 -14.32
C SER A 111 0.54 10.73 -14.60
N VAL A 112 0.60 10.32 -15.87
CA VAL A 112 0.42 8.93 -16.27
C VAL A 112 1.61 8.06 -15.82
N THR A 113 2.86 8.52 -15.97
CA THR A 113 4.00 7.72 -15.56
C THR A 113 3.97 7.41 -14.07
N VAL A 114 3.51 8.37 -13.27
CA VAL A 114 3.45 8.23 -11.82
C VAL A 114 2.34 7.24 -11.45
N SER A 115 1.13 7.43 -11.98
CA SER A 115 -0.05 6.73 -11.51
C SER A 115 -0.31 5.38 -12.18
N ILE A 116 0.28 5.08 -13.33
CA ILE A 116 0.04 3.83 -14.05
C ILE A 116 0.36 2.61 -13.18
N PHE A 117 1.24 2.78 -12.19
CA PHE A 117 1.55 1.79 -11.17
C PHE A 117 0.29 1.23 -10.52
N ALA A 118 -0.69 2.08 -10.24
CA ALA A 118 -1.93 1.67 -9.58
C ALA A 118 -2.81 0.80 -10.47
N ILE A 119 -2.78 0.99 -11.80
CA ILE A 119 -3.48 0.08 -12.72
C ILE A 119 -2.72 -1.26 -12.78
N GLY A 120 -1.39 -1.22 -12.69
CA GLY A 120 -0.61 -2.43 -12.50
C GLY A 120 -1.04 -3.17 -11.23
N GLY A 121 -1.17 -2.46 -10.11
CA GLY A 121 -1.63 -3.03 -8.85
C GLY A 121 -3.01 -3.66 -8.95
N LEU A 122 -3.94 -3.00 -9.64
CA LEU A 122 -5.26 -3.56 -9.89
C LEU A 122 -5.15 -4.85 -10.69
N VAL A 123 -4.44 -4.85 -11.83
CA VAL A 123 -4.27 -6.03 -12.66
C VAL A 123 -3.59 -7.15 -11.87
N GLY A 124 -2.55 -6.82 -11.11
CA GLY A 124 -1.84 -7.78 -10.29
C GLY A 124 -2.71 -8.41 -9.19
N THR A 125 -3.63 -7.64 -8.59
CA THR A 125 -4.51 -8.17 -7.55
C THR A 125 -5.46 -9.23 -8.12
N LEU A 126 -5.99 -9.02 -9.31
CA LEU A 126 -6.94 -9.93 -9.92
C LEU A 126 -6.24 -11.15 -10.55
N ILE A 127 -4.93 -11.08 -10.79
CA ILE A 127 -4.13 -12.24 -11.21
C ILE A 127 -3.94 -13.24 -10.06
N VAL A 128 -3.89 -12.79 -8.79
CA VAL A 128 -3.67 -13.68 -7.66
C VAL A 128 -4.85 -14.64 -7.51
N LYS A 129 -6.09 -14.17 -7.76
CA LYS A 129 -7.29 -14.99 -7.68
C LYS A 129 -7.14 -16.29 -8.48
N MET A 130 -6.55 -16.18 -9.68
CA MET A 130 -6.37 -17.31 -10.58
C MET A 130 -5.09 -18.11 -10.26
N ILE A 131 -3.95 -17.43 -10.02
CA ILE A 131 -2.68 -18.11 -9.79
C ILE A 131 -2.68 -18.88 -8.47
N GLY A 132 -3.34 -18.37 -7.43
CA GLY A 132 -3.27 -18.93 -6.08
C GLY A 132 -3.80 -20.37 -5.95
N LYS A 133 -4.60 -20.82 -6.92
CA LYS A 133 -5.10 -22.19 -6.96
C LYS A 133 -4.06 -23.16 -7.53
N VAL A 134 -3.08 -22.66 -8.31
CA VAL A 134 -2.17 -23.48 -9.11
C VAL A 134 -0.80 -23.63 -8.44
N LEU A 135 -0.13 -22.51 -8.10
CA LEU A 135 1.26 -22.56 -7.67
C LEU A 135 1.40 -22.93 -6.19
N GLY A 136 0.80 -22.10 -5.32
CA GLY A 136 1.03 -22.19 -3.89
C GLY A 136 1.48 -20.84 -3.31
N ARG A 137 1.82 -20.80 -2.03
CA ARG A 137 2.18 -19.55 -1.37
C ARG A 137 3.64 -19.20 -1.68
N LYS A 138 4.58 -20.11 -1.40
CA LYS A 138 5.99 -19.81 -1.57
C LYS A 138 6.30 -19.58 -3.06
N HIS A 139 5.88 -20.49 -3.94
CA HIS A 139 6.24 -20.41 -5.35
C HIS A 139 5.65 -19.19 -6.04
N THR A 140 4.55 -18.60 -5.55
CA THR A 140 4.09 -17.34 -6.12
C THR A 140 5.08 -16.23 -5.80
N LEU A 141 5.60 -16.13 -4.57
CA LEU A 141 6.55 -15.07 -4.28
C LEU A 141 7.91 -15.28 -4.95
N LEU A 142 8.19 -16.46 -5.52
CA LEU A 142 9.35 -16.62 -6.40
C LEU A 142 8.98 -16.22 -7.83
N ALA A 143 7.92 -16.81 -8.42
CA ALA A 143 7.52 -16.55 -9.79
C ALA A 143 7.14 -15.08 -9.98
N ASN A 144 6.78 -14.41 -8.89
CA ASN A 144 6.43 -12.99 -8.92
C ASN A 144 7.65 -12.12 -9.27
N ASN A 145 8.86 -12.57 -8.92
CA ASN A 145 10.06 -11.78 -9.18
C ASN A 145 10.52 -11.90 -10.64
N GLY A 146 9.76 -12.65 -11.46
CA GLY A 146 9.74 -12.43 -12.90
C GLY A 146 9.33 -11.00 -13.23
N PHE A 147 8.29 -10.49 -12.57
CA PHE A 147 7.80 -9.14 -12.80
C PHE A 147 8.73 -8.08 -12.22
N ALA A 148 9.19 -8.23 -10.97
CA ALA A 148 10.05 -7.22 -10.35
C ALA A 148 11.35 -7.00 -11.12
N ILE A 149 11.99 -8.07 -11.64
CA ILE A 149 13.23 -7.94 -12.40
C ILE A 149 12.95 -7.50 -13.85
N SER A 150 11.93 -8.07 -14.52
CA SER A 150 11.60 -7.72 -15.90
C SER A 150 11.04 -6.31 -16.03
N ALA A 151 10.60 -5.69 -14.93
CA ALA A 151 10.16 -4.30 -14.91
C ALA A 151 11.34 -3.37 -14.59
N ALA A 152 12.24 -3.76 -13.69
CA ALA A 152 13.42 -2.95 -13.39
C ALA A 152 14.37 -2.85 -14.58
N LEU A 153 14.51 -3.93 -15.37
CA LEU A 153 15.38 -3.94 -16.55
C LEU A 153 14.77 -3.17 -17.72
N LEU A 154 13.43 -2.97 -17.74
CA LEU A 154 12.80 -2.08 -18.70
C LEU A 154 13.09 -0.63 -18.33
N MET A 155 12.85 -0.25 -17.07
CA MET A 155 12.90 1.14 -16.66
C MET A 155 14.34 1.69 -16.70
N ALA A 156 15.32 0.87 -16.27
CA ALA A 156 16.70 1.33 -16.14
C ALA A 156 17.42 1.46 -17.48
N CYS A 157 16.89 0.83 -18.54
CA CYS A 157 17.45 0.95 -19.89
C CYS A 157 16.75 2.02 -20.73
N SER A 158 15.74 2.70 -20.16
CA SER A 158 14.91 3.65 -20.91
C SER A 158 15.71 4.85 -21.41
N LEU A 159 16.77 5.25 -20.71
CA LEU A 159 17.60 6.37 -21.14
C LEU A 159 18.51 5.96 -22.31
N GLN A 160 19.11 4.75 -22.29
CA GLN A 160 19.95 4.31 -23.39
C GLN A 160 19.15 4.08 -24.67
N ALA A 161 17.96 3.46 -24.54
CA ALA A 161 17.13 3.11 -25.68
C ALA A 161 16.46 4.33 -26.33
N GLY A 162 16.23 5.39 -25.56
CA GLY A 162 15.77 6.66 -26.11
C GLY A 162 14.25 6.79 -26.22
N ALA A 163 13.54 5.68 -26.02
CA ALA A 163 12.08 5.64 -26.11
C ALA A 163 11.44 5.73 -24.73
N PHE A 164 10.47 6.64 -24.55
CA PHE A 164 9.88 6.86 -23.24
C PHE A 164 8.82 5.82 -22.86
N GLU A 165 8.39 4.98 -23.83
CA GLU A 165 7.40 3.94 -23.58
C GLU A 165 7.96 2.97 -22.55
N MET A 166 9.25 2.64 -22.60
CA MET A 166 9.82 1.62 -21.75
C MET A 166 9.69 1.99 -20.28
N LEU A 167 9.62 3.28 -19.95
CA LEU A 167 9.47 3.70 -18.56
C LEU A 167 8.00 3.59 -18.14
N ILE A 168 7.04 4.02 -18.98
CA ILE A 168 5.64 3.92 -18.63
C ILE A 168 5.23 2.44 -18.54
N VAL A 169 5.61 1.59 -19.51
CA VAL A 169 5.33 0.16 -19.47
C VAL A 169 6.07 -0.51 -18.32
N GLY A 170 7.29 -0.05 -18.00
CA GLY A 170 8.04 -0.55 -16.87
C GLY A 170 7.31 -0.31 -15.55
N ARG A 171 6.73 0.88 -15.36
CA ARG A 171 5.96 1.19 -14.17
C ARG A 171 4.73 0.32 -14.08
N PHE A 172 4.09 -0.04 -15.20
CA PHE A 172 2.91 -0.88 -15.19
C PHE A 172 3.26 -2.29 -14.71
N ILE A 173 4.25 -2.94 -15.30
CA ILE A 173 4.64 -4.29 -14.93
C ILE A 173 5.21 -4.32 -13.50
N MET A 174 5.85 -3.26 -13.04
CA MET A 174 6.23 -3.10 -11.65
C MET A 174 5.00 -2.95 -10.75
N GLY A 175 3.91 -2.40 -11.26
CA GLY A 175 2.64 -2.37 -10.55
C GLY A 175 2.03 -3.77 -10.39
N ILE A 176 2.19 -4.65 -11.39
CA ILE A 176 1.69 -6.01 -11.29
C ILE A 176 2.32 -6.72 -10.08
N ASP A 177 3.63 -6.57 -9.87
CA ASP A 177 4.29 -7.06 -8.68
C ASP A 177 3.64 -6.50 -7.40
N GLY A 178 3.46 -5.17 -7.32
CA GLY A 178 2.86 -4.56 -6.15
C GLY A 178 1.42 -5.02 -5.87
N GLY A 179 0.69 -5.44 -6.91
CA GLY A 179 -0.66 -5.96 -6.76
C GLY A 179 -0.68 -7.43 -6.33
N VAL A 180 0.23 -8.24 -6.92
CA VAL A 180 0.36 -9.66 -6.61
C VAL A 180 0.93 -9.85 -5.21
N ALA A 181 2.03 -9.18 -4.86
CA ALA A 181 2.81 -9.60 -3.70
C ALA A 181 2.25 -9.04 -2.40
N LEU A 182 1.50 -7.93 -2.43
CA LEU A 182 0.78 -7.46 -1.26
C LEU A 182 -0.42 -8.34 -0.92
N SER A 183 -0.93 -9.11 -1.89
CA SER A 183 -2.08 -9.97 -1.67
C SER A 183 -1.66 -11.36 -1.19
N VAL A 184 -0.41 -11.76 -1.44
CA VAL A 184 0.09 -13.08 -1.07
C VAL A 184 0.91 -13.02 0.22
N LEU A 185 1.68 -11.97 0.45
CA LEU A 185 2.59 -11.97 1.60
C LEU A 185 1.81 -12.07 2.91
N PRO A 186 0.74 -11.28 3.21
CA PRO A 186 -0.02 -11.45 4.45
C PRO A 186 -0.56 -12.86 4.70
N MET A 187 -1.01 -13.53 3.63
CA MET A 187 -1.53 -14.88 3.74
C MET A 187 -0.41 -15.87 4.02
N TYR A 188 0.74 -15.75 3.35
CA TYR A 188 1.88 -16.60 3.62
C TYR A 188 2.32 -16.47 5.08
N LEU A 189 2.54 -15.23 5.56
CA LEU A 189 3.02 -15.00 6.92
C LEU A 189 2.03 -15.54 7.96
N SER A 190 0.73 -15.26 7.79
CA SER A 190 -0.28 -15.67 8.76
C SER A 190 -0.59 -17.17 8.67
N GLU A 191 -0.18 -17.86 7.60
CA GLU A 191 -0.29 -19.31 7.53
C GLU A 191 0.88 -20.02 8.20
N ILE A 192 2.11 -19.47 8.17
CA ILE A 192 3.29 -20.14 8.74
C ILE A 192 3.40 -19.91 10.25
N SER A 193 2.91 -18.77 10.76
CA SER A 193 3.27 -18.28 12.10
C SER A 193 2.60 -19.08 13.22
N PRO A 194 3.20 -19.16 14.42
CA PRO A 194 2.52 -19.77 15.56
C PRO A 194 1.25 -18.95 15.78
N LYS A 195 0.26 -19.54 16.44
CA LYS A 195 -1.02 -18.88 16.64
C LYS A 195 -0.93 -17.84 17.76
N GLU A 196 0.29 -17.37 18.06
CA GLU A 196 0.55 -16.44 19.16
C GLU A 196 0.87 -15.04 18.65
N ILE A 197 1.25 -14.92 17.37
CA ILE A 197 1.71 -13.64 16.82
C ILE A 197 0.99 -13.33 15.52
N ARG A 198 0.05 -14.19 15.10
CA ARG A 198 -0.60 -13.98 13.81
C ARG A 198 -1.19 -12.57 13.71
N GLY A 199 -1.40 -11.91 14.86
CA GLY A 199 -1.89 -10.53 14.91
C GLY A 199 -0.79 -9.48 14.76
N SER A 200 0.45 -9.80 15.19
CA SER A 200 1.54 -8.84 15.22
C SER A 200 2.14 -8.60 13.83
N LEU A 201 2.19 -9.64 12.99
CA LEU A 201 2.89 -9.55 11.71
C LEU A 201 2.18 -8.62 10.73
N GLY A 202 0.94 -8.20 11.04
CA GLY A 202 0.28 -7.12 10.31
C GLY A 202 0.98 -5.77 10.45
N GLN A 203 1.85 -5.64 11.47
CA GLN A 203 2.72 -4.47 11.60
C GLN A 203 4.03 -4.70 10.83
N VAL A 204 4.48 -5.96 10.67
CA VAL A 204 5.71 -6.28 9.95
C VAL A 204 5.53 -6.15 8.43
N THR A 205 4.35 -6.43 7.88
CA THR A 205 4.12 -6.14 6.46
C THR A 205 4.11 -4.63 6.21
N ALA A 206 3.69 -3.83 7.21
CA ALA A 206 3.51 -2.38 7.08
C ALA A 206 4.80 -1.61 7.30
N ILE A 207 5.61 -1.98 8.32
CA ILE A 207 6.88 -1.31 8.57
C ILE A 207 7.79 -1.44 7.34
N PHE A 208 7.74 -2.57 6.62
CA PHE A 208 8.56 -2.69 5.43
C PHE A 208 8.03 -1.84 4.28
N ILE A 209 6.76 -1.43 4.25
CA ILE A 209 6.37 -0.40 3.29
C ILE A 209 7.09 0.90 3.65
N CYS A 210 7.05 1.29 4.92
CA CYS A 210 7.62 2.57 5.34
C CYS A 210 9.14 2.62 5.12
N ILE A 211 9.87 1.55 5.46
CA ILE A 211 11.30 1.50 5.19
C ILE A 211 11.54 1.49 3.67
N GLY A 212 10.56 1.05 2.88
CA GLY A 212 10.54 1.27 1.44
C GLY A 212 10.47 2.75 1.07
N VAL A 213 9.41 3.48 1.51
CA VAL A 213 9.22 4.87 1.11
C VAL A 213 10.40 5.72 1.56
N PHE A 214 11.03 5.37 2.70
CA PHE A 214 12.21 6.07 3.21
C PHE A 214 13.42 5.77 2.35
N THR A 215 13.69 4.51 2.00
CA THR A 215 14.87 4.19 1.19
C THR A 215 14.80 4.88 -0.18
N GLY A 216 13.61 4.92 -0.81
CA GLY A 216 13.42 5.64 -2.05
C GLY A 216 13.70 7.14 -1.94
N GLN A 217 13.50 7.72 -0.76
CA GLN A 217 13.78 9.12 -0.51
C GLN A 217 15.24 9.35 -0.15
N LEU A 218 15.93 8.33 0.38
CA LEU A 218 17.36 8.44 0.70
C LEU A 218 18.19 8.39 -0.59
N LEU A 219 18.03 7.37 -1.44
CA LEU A 219 18.86 7.23 -2.62
C LEU A 219 18.68 8.40 -3.59
N GLY A 220 17.54 9.11 -3.50
CA GLY A 220 17.27 10.28 -4.34
C GLY A 220 17.95 11.57 -3.90
N LEU A 221 18.70 11.60 -2.77
CA LEU A 221 19.50 12.76 -2.42
C LEU A 221 20.54 13.01 -3.51
N PRO A 222 20.91 14.26 -3.84
CA PRO A 222 21.91 14.50 -4.87
C PRO A 222 23.34 14.07 -4.52
N GLU A 223 23.59 13.69 -3.25
CA GLU A 223 24.83 13.02 -2.86
C GLU A 223 24.89 11.57 -3.39
N LEU A 224 23.74 10.91 -3.55
CA LEU A 224 23.69 9.52 -3.96
C LEU A 224 23.25 9.41 -5.44
N LEU A 225 22.20 8.64 -5.75
CA LEU A 225 21.88 8.30 -7.12
C LEU A 225 21.00 9.38 -7.79
N GLY A 226 20.52 10.38 -7.05
CA GLY A 226 19.59 11.37 -7.57
C GLY A 226 20.23 12.52 -8.37
N LYS A 227 21.47 12.35 -8.85
CA LYS A 227 22.12 13.28 -9.78
C LYS A 227 21.48 13.22 -11.17
N GLU A 228 21.96 14.06 -12.10
CA GLU A 228 21.40 14.10 -13.46
C GLU A 228 21.85 12.90 -14.29
N SER A 229 23.06 12.39 -14.03
CA SER A 229 23.69 11.34 -14.84
C SER A 229 23.30 9.93 -14.40
N THR A 230 23.11 9.72 -13.10
CA THR A 230 22.88 8.40 -12.51
C THR A 230 21.41 8.04 -12.32
N TRP A 231 20.44 8.87 -12.73
CA TRP A 231 19.05 8.63 -12.36
C TRP A 231 18.54 7.24 -12.77
N PRO A 232 18.92 6.61 -13.92
CA PRO A 232 18.41 5.28 -14.23
C PRO A 232 18.71 4.22 -13.18
N TYR A 233 19.77 4.38 -12.38
CA TYR A 233 20.08 3.40 -11.35
C TYR A 233 19.12 3.50 -10.15
N LEU A 234 18.35 4.59 -9.98
CA LEU A 234 17.28 4.61 -8.98
C LEU A 234 16.28 3.50 -9.26
N PHE A 235 16.02 3.21 -10.53
CA PHE A 235 15.12 2.14 -10.96
C PHE A 235 15.88 0.82 -11.10
N GLY A 236 17.10 0.84 -11.63
CA GLY A 236 17.90 -0.36 -11.81
C GLY A 236 18.34 -1.06 -10.49
N VAL A 237 18.29 -0.36 -9.35
CA VAL A 237 18.64 -0.93 -8.06
C VAL A 237 17.54 -1.84 -7.53
N ILE A 238 16.33 -1.82 -8.11
CA ILE A 238 15.24 -2.70 -7.67
C ILE A 238 15.62 -4.17 -7.87
N VAL A 239 16.61 -4.48 -8.74
CA VAL A 239 17.08 -5.83 -8.96
C VAL A 239 17.70 -6.41 -7.68
N VAL A 240 18.29 -5.59 -6.80
CA VAL A 240 18.96 -6.12 -5.61
C VAL A 240 17.95 -6.69 -4.62
N PRO A 241 16.92 -5.96 -4.11
CA PRO A 241 15.88 -6.57 -3.29
C PRO A 241 15.21 -7.81 -3.88
N ALA A 242 15.05 -7.84 -5.20
CA ALA A 242 14.45 -9.00 -5.85
C ALA A 242 15.38 -10.23 -5.81
N VAL A 243 16.68 -10.07 -6.10
CA VAL A 243 17.61 -11.19 -6.13
C VAL A 243 17.98 -11.66 -4.71
N VAL A 244 18.01 -10.73 -3.73
CA VAL A 244 18.18 -11.10 -2.33
C VAL A 244 16.98 -11.93 -1.82
N GLN A 245 15.80 -11.81 -2.42
CA GLN A 245 14.67 -12.68 -2.10
C GLN A 245 14.82 -14.04 -2.78
N LEU A 246 15.14 -14.09 -4.09
CA LEU A 246 15.28 -15.35 -4.82
C LEU A 246 16.41 -16.23 -4.27
N LEU A 247 17.45 -15.64 -3.69
CA LEU A 247 18.53 -16.39 -3.06
C LEU A 247 18.27 -16.61 -1.57
N SER A 248 17.01 -16.53 -1.12
CA SER A 248 16.66 -16.69 0.29
C SER A 248 15.44 -17.58 0.52
N LEU A 249 14.32 -17.33 -0.16
CA LEU A 249 13.07 -18.04 0.14
C LEU A 249 13.10 -19.51 -0.30
N PRO A 250 13.69 -19.93 -1.44
CA PRO A 250 13.58 -21.32 -1.90
C PRO A 250 13.93 -22.44 -0.92
N PHE A 251 14.88 -22.18 0.00
CA PHE A 251 15.34 -23.17 0.97
C PHE A 251 14.37 -23.36 2.13
N LEU A 252 13.41 -22.43 2.30
CA LEU A 252 12.44 -22.48 3.39
C LEU A 252 11.24 -23.35 3.00
N PRO A 253 10.55 -24.02 3.96
CA PRO A 253 9.33 -24.77 3.64
C PRO A 253 8.22 -23.92 3.07
N ASP A 254 7.38 -24.53 2.21
CA ASP A 254 6.15 -23.89 1.74
C ASP A 254 5.17 -23.81 2.91
N SER A 255 4.13 -22.98 2.82
CA SER A 255 3.24 -22.77 3.96
C SER A 255 2.64 -24.11 4.38
N PRO A 256 2.55 -24.42 5.70
CA PRO A 256 1.92 -25.67 6.15
C PRO A 256 0.52 -25.92 5.59
N ARG A 257 -0.40 -24.97 5.79
CA ARG A 257 -1.79 -25.13 5.34
C ARG A 257 -1.83 -25.59 3.89
N TYR A 258 -1.21 -24.84 2.99
CA TYR A 258 -1.26 -25.18 1.57
C TYR A 258 -0.79 -26.63 1.36
N LEU A 259 0.19 -27.08 2.14
CA LEU A 259 0.71 -28.45 2.00
C LEU A 259 -0.20 -29.48 2.68
N LEU A 260 -1.32 -29.06 3.27
CA LEU A 260 -2.21 -29.96 4.00
C LEU A 260 -3.65 -29.88 3.49
N LEU A 261 -4.05 -28.75 2.89
CA LEU A 261 -5.43 -28.56 2.47
C LEU A 261 -5.57 -28.53 0.94
N GLU A 262 -4.48 -28.34 0.19
CA GLU A 262 -4.59 -28.19 -1.27
C GLU A 262 -3.61 -29.12 -2.01
N LYS A 263 -2.41 -29.34 -1.46
CA LYS A 263 -1.46 -30.30 -2.03
C LYS A 263 -1.48 -31.66 -1.33
N HIS A 264 -2.36 -31.88 -0.34
CA HIS A 264 -2.64 -33.19 0.22
C HIS A 264 -1.39 -33.99 0.57
N ASN A 265 -0.54 -33.44 1.45
CA ASN A 265 0.67 -34.14 1.91
C ASN A 265 0.93 -33.86 3.39
N GLU A 266 0.56 -34.82 4.26
CA GLU A 266 0.67 -34.67 5.71
C GLU A 266 2.13 -34.65 6.14
N ALA A 267 2.98 -35.50 5.53
CA ALA A 267 4.38 -35.61 5.93
C ALA A 267 5.11 -34.27 5.74
N ARG A 268 4.87 -33.61 4.58
CA ARG A 268 5.43 -32.30 4.30
C ARG A 268 4.81 -31.23 5.22
N ALA A 269 3.50 -31.30 5.48
CA ALA A 269 2.85 -30.35 6.37
C ALA A 269 3.45 -30.42 7.77
N VAL A 270 3.69 -31.64 8.30
CA VAL A 270 4.31 -31.83 9.60
C VAL A 270 5.72 -31.21 9.60
N LYS A 271 6.52 -31.46 8.54
CA LYS A 271 7.85 -30.89 8.44
C LYS A 271 7.80 -29.36 8.41
N ALA A 272 6.82 -28.78 7.71
CA ALA A 272 6.65 -27.34 7.63
C ALA A 272 6.30 -26.76 9.00
N PHE A 273 5.32 -27.35 9.71
CA PHE A 273 4.96 -26.91 11.05
C PHE A 273 6.15 -27.05 12.02
N GLN A 274 6.83 -28.22 12.03
CA GLN A 274 7.95 -28.44 12.93
C GLN A 274 9.08 -27.44 12.70
N THR A 275 9.34 -27.09 11.43
CA THR A 275 10.42 -26.18 11.07
C THR A 275 10.13 -24.75 11.52
N PHE A 276 8.89 -24.26 11.35
CA PHE A 276 8.54 -22.89 11.73
C PHE A 276 8.27 -22.76 13.23
N LEU A 277 7.51 -23.69 13.83
CA LEU A 277 7.12 -23.59 15.24
C LEU A 277 8.27 -23.95 16.18
N GLY A 278 9.21 -24.79 15.72
CA GLY A 278 10.42 -25.09 16.47
C GLY A 278 10.17 -26.00 17.70
N LYS A 279 9.18 -26.91 17.59
CA LYS A 279 8.83 -27.82 18.67
C LYS A 279 8.53 -29.23 18.13
N ALA A 280 8.50 -30.21 19.04
CA ALA A 280 8.48 -31.64 18.70
C ALA A 280 7.15 -32.05 18.06
N ASP A 281 6.02 -31.80 18.76
CA ASP A 281 4.71 -32.24 18.30
C ASP A 281 3.94 -31.09 17.66
N VAL A 282 3.38 -31.37 16.46
CA VAL A 282 2.58 -30.41 15.71
C VAL A 282 1.24 -31.00 15.29
N SER A 283 0.92 -32.22 15.76
CA SER A 283 -0.32 -32.92 15.44
C SER A 283 -1.55 -32.09 15.81
N GLN A 284 -1.38 -31.20 16.80
CA GLN A 284 -2.44 -30.33 17.31
C GLN A 284 -2.85 -29.32 16.23
N GLU A 285 -1.87 -28.67 15.60
CA GLU A 285 -2.12 -27.72 14.51
C GLU A 285 -2.60 -28.46 13.25
N VAL A 286 -2.02 -29.63 12.95
CA VAL A 286 -2.43 -30.44 11.82
C VAL A 286 -3.92 -30.80 11.95
N GLU A 287 -4.34 -31.26 13.14
CA GLU A 287 -5.74 -31.58 13.37
C GLU A 287 -6.60 -30.30 13.35
N GLU A 288 -6.11 -29.20 13.92
CA GLU A 288 -6.87 -27.95 13.95
C GLU A 288 -7.20 -27.49 12.53
N VAL A 289 -6.17 -27.42 11.68
CA VAL A 289 -6.31 -26.96 10.30
C VAL A 289 -7.28 -27.87 9.54
N LEU A 290 -7.17 -29.19 9.72
CA LEU A 290 -8.11 -30.11 9.08
C LEU A 290 -9.52 -29.94 9.66
N ALA A 291 -9.65 -29.70 10.97
CA ALA A 291 -10.95 -29.46 11.59
C ALA A 291 -11.61 -28.18 11.05
N GLU A 292 -10.83 -27.10 10.92
CA GLU A 292 -11.33 -25.87 10.31
C GLU A 292 -11.82 -26.19 8.91
N SER A 293 -10.99 -26.89 8.12
CA SER A 293 -11.36 -27.28 6.77
C SER A 293 -12.65 -28.12 6.75
N ARG A 294 -12.82 -29.07 7.69
CA ARG A 294 -14.02 -29.90 7.75
C ARG A 294 -15.29 -29.05 7.91
N VAL A 295 -15.19 -27.92 8.63
CA VAL A 295 -16.26 -26.93 8.69
C VAL A 295 -16.33 -26.16 7.37
N GLN A 296 -15.22 -25.51 6.97
CA GLN A 296 -15.18 -24.53 5.89
C GLN A 296 -15.56 -25.14 4.53
N ARG A 297 -15.27 -26.43 4.31
CA ARG A 297 -15.50 -27.09 3.02
C ARG A 297 -17.01 -27.23 2.72
N SER A 298 -17.87 -27.06 3.73
CA SER A 298 -19.32 -27.12 3.58
C SER A 298 -19.92 -25.80 3.11
N ILE A 299 -19.15 -24.70 3.17
CA ILE A 299 -19.65 -23.34 3.00
C ILE A 299 -19.86 -23.01 1.51
N ARG A 300 -21.03 -22.43 1.20
CA ARG A 300 -21.27 -21.79 -0.09
C ARG A 300 -20.61 -20.40 -0.09
N LEU A 301 -19.69 -20.19 -1.02
CA LEU A 301 -19.06 -18.88 -1.22
C LEU A 301 -20.05 -17.94 -1.91
N VAL A 302 -19.93 -16.64 -1.61
CA VAL A 302 -20.73 -15.59 -2.23
C VAL A 302 -19.89 -14.90 -3.30
N SER A 303 -20.51 -14.64 -4.46
CA SER A 303 -19.85 -13.99 -5.60
C SER A 303 -19.87 -12.46 -5.45
N VAL A 304 -18.92 -11.76 -6.09
CA VAL A 304 -18.73 -10.32 -5.88
C VAL A 304 -19.99 -9.53 -6.23
N LEU A 305 -20.64 -9.90 -7.35
CA LEU A 305 -21.82 -9.23 -7.88
C LEU A 305 -23.07 -9.45 -7.02
N GLU A 306 -23.06 -10.55 -6.24
CA GLU A 306 -24.13 -11.01 -5.36
C GLU A 306 -24.01 -10.34 -3.99
N LEU A 307 -22.76 -10.24 -3.49
CA LEU A 307 -22.43 -9.52 -2.25
C LEU A 307 -22.77 -8.03 -2.35
N LEU A 308 -22.50 -7.42 -3.51
CA LEU A 308 -22.76 -6.01 -3.78
C LEU A 308 -24.25 -5.63 -3.69
N ARG A 309 -25.17 -6.62 -3.70
CA ARG A 309 -26.59 -6.32 -3.89
C ARG A 309 -27.47 -6.80 -2.73
N ALA A 310 -27.11 -7.90 -2.05
CA ALA A 310 -27.92 -8.46 -0.98
C ALA A 310 -28.16 -7.44 0.13
N PRO A 311 -29.41 -7.29 0.66
CA PRO A 311 -29.71 -6.28 1.67
C PRO A 311 -29.16 -6.58 3.06
N TYR A 312 -28.96 -7.86 3.40
CA TYR A 312 -28.54 -8.26 4.75
C TYR A 312 -27.06 -8.00 5.00
N VAL A 313 -26.34 -7.33 4.06
CA VAL A 313 -24.97 -6.87 4.27
C VAL A 313 -24.70 -5.46 3.74
N ARG A 314 -25.73 -4.70 3.32
CA ARG A 314 -25.51 -3.55 2.46
C ARG A 314 -24.61 -2.49 3.11
N TRP A 315 -24.77 -2.22 4.41
CA TRP A 315 -23.95 -1.21 5.08
C TRP A 315 -22.55 -1.70 5.42
N GLN A 316 -22.32 -3.02 5.42
CA GLN A 316 -20.97 -3.55 5.58
C GLN A 316 -20.18 -3.44 4.27
N VAL A 317 -20.88 -3.39 3.13
CA VAL A 317 -20.24 -3.10 1.84
C VAL A 317 -20.04 -1.58 1.69
N VAL A 318 -21.05 -0.75 1.95
CA VAL A 318 -20.88 0.70 1.85
C VAL A 318 -19.80 1.22 2.81
N THR A 319 -19.70 0.67 4.04
CA THR A 319 -18.72 1.14 5.00
C THR A 319 -17.32 0.65 4.67
N VAL A 320 -17.16 -0.35 3.78
CA VAL A 320 -15.82 -0.75 3.35
C VAL A 320 -15.40 0.02 2.08
N ILE A 321 -16.35 0.33 1.18
CA ILE A 321 -16.06 1.19 0.04
C ILE A 321 -15.74 2.62 0.53
N VAL A 322 -16.49 3.16 1.50
CA VAL A 322 -16.28 4.52 1.97
C VAL A 322 -15.05 4.64 2.88
N THR A 323 -14.63 3.58 3.58
CA THR A 323 -13.38 3.61 4.31
C THR A 323 -12.21 3.54 3.34
N MET A 324 -12.28 2.66 2.34
CA MET A 324 -11.17 2.43 1.43
C MET A 324 -10.96 3.61 0.46
N ALA A 325 -12.03 4.29 0.03
CA ALA A 325 -11.88 5.48 -0.77
C ALA A 325 -11.13 6.56 0.01
N CYS A 326 -11.60 6.93 1.21
CA CYS A 326 -10.96 7.97 1.99
C CYS A 326 -9.53 7.61 2.40
N TYR A 327 -9.21 6.32 2.58
CA TYR A 327 -7.88 5.87 2.91
C TYR A 327 -6.87 6.17 1.80
N GLN A 328 -7.33 6.46 0.57
CA GLN A 328 -6.44 6.87 -0.53
C GLN A 328 -6.67 8.33 -0.95
N LEU A 329 -7.94 8.77 -1.00
CA LEU A 329 -8.29 10.12 -1.42
C LEU A 329 -8.04 11.14 -0.28
N CYS A 330 -7.61 10.70 0.91
CA CYS A 330 -7.02 11.61 1.88
C CYS A 330 -5.65 12.14 1.41
N GLY A 331 -5.15 11.64 0.27
CA GLY A 331 -4.08 12.30 -0.46
C GLY A 331 -2.67 11.99 0.04
N LEU A 332 -2.49 11.02 0.94
CA LEU A 332 -1.16 10.74 1.45
C LEU A 332 -0.24 10.26 0.32
N ASN A 333 -0.76 9.51 -0.65
CA ASN A 333 0.06 9.09 -1.76
C ASN A 333 0.47 10.28 -2.64
N ALA A 334 -0.33 11.34 -2.73
CA ALA A 334 0.10 12.55 -3.43
C ALA A 334 1.26 13.22 -2.70
N ILE A 335 1.37 13.05 -1.37
CA ILE A 335 2.49 13.56 -0.60
C ILE A 335 3.74 12.70 -0.84
N TRP A 336 3.60 11.41 -1.21
CA TRP A 336 4.78 10.58 -1.49
C TRP A 336 5.28 10.77 -2.91
N PHE A 337 4.38 10.69 -3.91
CA PHE A 337 4.79 10.78 -5.31
C PHE A 337 5.38 12.15 -5.60
N TYR A 338 4.80 13.23 -5.06
CA TYR A 338 5.06 14.59 -5.53
C TYR A 338 5.63 15.52 -4.46
N THR A 339 6.42 15.02 -3.50
CA THR A 339 6.81 15.81 -2.33
C THR A 339 7.64 17.04 -2.70
N ASN A 340 8.54 16.92 -3.67
CA ASN A 340 9.41 18.03 -4.06
C ASN A 340 8.60 19.18 -4.67
N SER A 341 7.50 18.87 -5.39
CA SER A 341 6.62 19.89 -5.93
C SER A 341 5.91 20.64 -4.80
N ILE A 342 5.39 19.88 -3.82
CA ILE A 342 4.66 20.44 -2.69
C ILE A 342 5.55 21.39 -1.87
N PHE A 343 6.74 20.93 -1.46
CA PHE A 343 7.63 21.78 -0.70
C PHE A 343 8.17 22.94 -1.56
N GLY A 344 8.30 22.75 -2.87
CA GLY A 344 8.76 23.81 -3.76
C GLY A 344 7.83 25.01 -3.76
N LYS A 345 6.51 24.77 -3.85
CA LYS A 345 5.53 25.83 -3.91
C LYS A 345 5.22 26.43 -2.54
N ALA A 346 5.63 25.75 -1.45
CA ALA A 346 5.48 26.25 -0.09
C ALA A 346 6.46 27.38 0.22
N GLY A 347 7.53 27.53 -0.55
CA GLY A 347 8.49 28.61 -0.36
C GLY A 347 9.76 28.18 0.37
N ILE A 348 9.98 26.85 0.51
CA ILE A 348 11.21 26.31 1.07
C ILE A 348 12.34 26.64 0.09
N PRO A 349 13.56 27.05 0.54
CA PRO A 349 14.67 27.34 -0.39
C PRO A 349 15.01 26.19 -1.35
N PRO A 350 15.10 26.45 -2.68
CA PRO A 350 15.29 25.39 -3.67
C PRO A 350 16.42 24.40 -3.42
N ALA A 351 17.51 24.85 -2.78
CA ALA A 351 18.68 24.02 -2.53
C ALA A 351 18.46 23.02 -1.40
N LYS A 352 17.42 23.21 -0.57
CA LYS A 352 17.24 22.44 0.66
C LYS A 352 16.16 21.37 0.53
N ILE A 353 15.36 21.39 -0.53
CA ILE A 353 14.15 20.55 -0.64
C ILE A 353 14.47 19.05 -0.62
N PRO A 354 15.60 18.54 -1.19
CA PRO A 354 15.93 17.13 -1.09
C PRO A 354 16.12 16.63 0.33
N TYR A 355 16.69 17.48 1.21
CA TYR A 355 17.02 17.13 2.59
C TYR A 355 15.78 17.28 3.46
N VAL A 356 14.95 18.30 3.22
CA VAL A 356 13.69 18.50 3.94
C VAL A 356 12.72 17.37 3.62
N THR A 357 12.68 16.92 2.37
CA THR A 357 11.84 15.79 1.97
C THR A 357 12.17 14.53 2.77
N LEU A 358 13.45 14.24 3.03
CA LEU A 358 13.88 13.00 3.66
C LEU A 358 13.30 12.84 5.06
N SER A 359 12.93 13.95 5.71
CA SER A 359 12.30 13.91 7.02
C SER A 359 10.97 13.16 6.96
N THR A 360 10.23 13.26 5.85
CA THR A 360 8.89 12.69 5.75
C THR A 360 8.94 11.17 5.88
N GLY A 361 9.78 10.46 5.14
CA GLY A 361 9.92 9.02 5.28
C GLY A 361 10.44 8.57 6.66
N GLY A 362 11.15 9.48 7.35
CA GLY A 362 11.60 9.26 8.72
C GLY A 362 10.44 9.25 9.72
N ILE A 363 9.63 10.32 9.70
CA ILE A 363 8.48 10.47 10.58
C ILE A 363 7.39 9.46 10.23
N GLU A 364 7.31 9.02 8.98
CA GLU A 364 6.52 7.87 8.56
C GLU A 364 6.98 6.60 9.28
N THR A 365 8.28 6.30 9.24
CA THR A 365 8.80 5.05 9.80
C THR A 365 8.70 5.05 11.33
N LEU A 366 8.99 6.16 12.00
CA LEU A 366 8.79 6.24 13.45
C LEU A 366 7.30 6.11 13.80
N ALA A 367 6.39 6.64 12.97
CA ALA A 367 4.97 6.50 13.24
C ALA A 367 4.54 5.03 13.13
N ALA A 368 4.99 4.33 12.07
CA ALA A 368 4.62 2.93 11.87
C ALA A 368 5.18 2.01 12.96
N VAL A 369 6.41 2.25 13.43
CA VAL A 369 7.03 1.46 14.49
C VAL A 369 6.26 1.59 15.81
N PHE A 370 5.65 2.75 16.09
CA PHE A 370 4.86 2.95 17.30
C PHE A 370 3.35 2.83 17.05
N SER A 371 2.95 2.28 15.89
CA SER A 371 1.54 2.12 15.53
C SER A 371 0.88 1.02 16.37
N GLY A 372 1.63 -0.05 16.68
CA GLY A 372 1.11 -1.19 17.42
C GLY A 372 0.45 -0.81 18.74
N LEU A 373 1.09 0.07 19.52
CA LEU A 373 0.65 0.39 20.87
C LEU A 373 -0.38 1.52 20.88
N VAL A 374 -1.09 1.75 19.77
CA VAL A 374 -2.36 2.50 19.79
C VAL A 374 -3.49 1.69 19.14
N ILE A 375 -3.22 0.86 18.13
CA ILE A 375 -4.29 0.17 17.39
C ILE A 375 -5.06 -0.78 18.31
N GLU A 376 -4.37 -1.48 19.22
CA GLU A 376 -5.04 -2.43 20.11
C GLU A 376 -5.61 -1.74 21.35
N HIS A 377 -4.98 -0.64 21.80
CA HIS A 377 -5.34 0.04 23.04
C HIS A 377 -6.60 0.90 22.90
N LEU A 378 -6.81 1.53 21.72
CA LEU A 378 -7.90 2.49 21.54
C LEU A 378 -9.10 1.88 20.81
N GLY A 379 -8.96 0.68 20.23
CA GLY A 379 -10.03 0.11 19.43
C GLY A 379 -10.14 0.79 18.07
N ARG A 380 -11.21 0.50 17.30
CA ARG A 380 -11.28 0.89 15.91
C ARG A 380 -11.98 2.23 15.72
N ARG A 381 -13.01 2.54 16.52
CA ARG A 381 -13.88 3.68 16.25
C ARG A 381 -13.17 5.02 16.47
N PRO A 382 -12.47 5.29 17.60
CA PRO A 382 -11.78 6.57 17.78
C PRO A 382 -10.43 6.69 17.07
N LEU A 383 -9.96 5.66 16.37
CA LEU A 383 -8.84 5.80 15.45
C LEU A 383 -9.30 6.22 14.05
N LEU A 384 -10.33 5.59 13.49
CA LEU A 384 -10.79 5.97 12.16
C LEU A 384 -11.57 7.29 12.17
N ILE A 385 -12.11 7.71 13.32
CA ILE A 385 -12.66 9.05 13.44
C ILE A 385 -11.57 10.01 13.96
N GLY A 386 -10.47 9.46 14.48
CA GLY A 386 -9.33 10.26 14.90
C GLY A 386 -8.48 10.69 13.73
N GLY A 387 -7.90 9.72 13.00
CA GLY A 387 -7.05 9.99 11.86
C GLY A 387 -7.72 10.90 10.81
N PHE A 388 -8.85 10.48 10.27
CA PHE A 388 -9.56 11.27 9.27
C PHE A 388 -10.16 12.55 9.87
N GLY A 389 -10.07 12.76 11.18
CA GLY A 389 -10.45 14.01 11.82
C GLY A 389 -9.28 14.98 11.93
N LEU A 390 -8.09 14.49 12.34
CA LEU A 390 -6.91 15.32 12.47
C LEU A 390 -6.32 15.66 11.10
N MET A 391 -6.41 14.76 10.11
CA MET A 391 -5.98 15.13 8.78
C MET A 391 -6.83 16.29 8.24
N GLY A 392 -8.05 16.46 8.75
CA GLY A 392 -8.87 17.63 8.46
C GLY A 392 -8.29 18.92 9.04
N LEU A 393 -7.87 18.91 10.31
CA LEU A 393 -7.25 20.07 10.94
C LEU A 393 -5.91 20.42 10.28
N PHE A 394 -5.13 19.43 9.84
CA PHE A 394 -3.79 19.70 9.33
C PHE A 394 -3.79 20.04 7.83
N PHE A 395 -4.75 19.56 7.01
CA PHE A 395 -4.92 20.13 5.68
C PHE A 395 -5.51 21.54 5.73
N GLY A 396 -6.30 21.85 6.75
CA GLY A 396 -6.72 23.22 7.02
C GLY A 396 -5.54 24.14 7.29
N THR A 397 -4.74 23.84 8.34
CA THR A 397 -3.64 24.72 8.72
C THR A 397 -2.49 24.70 7.72
N LEU A 398 -2.30 23.61 6.97
CA LEU A 398 -1.39 23.65 5.83
C LEU A 398 -1.84 24.70 4.81
N THR A 399 -3.14 24.74 4.46
CA THR A 399 -3.66 25.69 3.49
C THR A 399 -3.49 27.14 3.95
N ILE A 400 -3.51 27.40 5.26
CA ILE A 400 -3.17 28.71 5.79
C ILE A 400 -1.70 29.02 5.54
N THR A 401 -0.77 28.15 5.97
CA THR A 401 0.66 28.43 5.89
C THR A 401 1.18 28.46 4.44
N LEU A 402 0.56 27.73 3.49
CA LEU A 402 0.91 27.88 2.08
C LEU A 402 0.48 29.24 1.54
N THR A 403 -0.62 29.83 2.04
CA THR A 403 -1.22 31.02 1.42
C THR A 403 -0.62 32.30 2.00
N LEU A 404 -0.26 32.30 3.29
CA LEU A 404 0.43 33.43 3.90
C LEU A 404 1.96 33.24 3.87
N GLN A 405 2.48 32.55 2.86
CA GLN A 405 3.87 32.09 2.82
C GLN A 405 4.87 33.25 2.76
N ASP A 406 4.39 34.48 2.50
CA ASP A 406 5.26 35.65 2.38
C ASP A 406 4.81 36.80 3.28
N HIS A 407 3.88 36.55 4.22
CA HIS A 407 3.53 37.54 5.25
C HIS A 407 4.57 37.59 6.36
N ALA A 408 5.43 36.56 6.46
CA ALA A 408 6.57 36.55 7.38
C ALA A 408 7.62 35.56 6.87
N PRO A 409 8.91 35.68 7.27
CA PRO A 409 9.96 34.80 6.76
C PRO A 409 9.96 33.38 7.32
N TRP A 410 9.29 33.15 8.46
CA TRP A 410 9.34 31.87 9.17
C TRP A 410 8.20 30.93 8.79
N VAL A 411 7.16 31.43 8.08
CA VAL A 411 5.93 30.67 7.86
C VAL A 411 6.20 29.39 7.06
N PRO A 412 6.96 29.39 5.94
CA PRO A 412 7.19 28.15 5.18
C PRO A 412 7.65 26.95 5.99
N TYR A 413 8.42 27.17 7.07
CA TYR A 413 8.89 26.07 7.91
C TYR A 413 7.79 25.52 8.81
N LEU A 414 6.65 26.21 8.96
CA LEU A 414 5.46 25.64 9.57
C LEU A 414 4.68 24.77 8.59
N SER A 415 4.88 24.92 7.27
CA SER A 415 4.28 24.00 6.31
C SER A 415 4.96 22.64 6.34
N ILE A 416 6.21 22.57 6.81
CA ILE A 416 6.88 21.29 7.05
C ILE A 416 6.20 20.59 8.22
N VAL A 417 6.06 21.28 9.35
CA VAL A 417 5.44 20.71 10.54
C VAL A 417 3.99 20.32 10.25
N GLY A 418 3.25 21.13 9.47
CA GLY A 418 1.93 20.76 8.98
C GLY A 418 1.90 19.41 8.26
N ILE A 419 2.82 19.18 7.30
CA ILE A 419 2.84 17.94 6.54
C ILE A 419 3.35 16.77 7.39
N LEU A 420 4.29 16.99 8.32
CA LEU A 420 4.72 15.92 9.20
C LEU A 420 3.58 15.48 10.12
N ALA A 421 2.69 16.38 10.56
CA ALA A 421 1.54 15.99 11.38
C ALA A 421 0.47 15.26 10.55
N ILE A 422 0.36 15.53 9.25
CA ILE A 422 -0.52 14.77 8.36
C ILE A 422 -0.02 13.33 8.23
N ILE A 423 1.28 13.13 8.11
CA ILE A 423 1.86 11.79 8.00
C ILE A 423 1.68 11.06 9.34
N ALA A 424 2.05 11.70 10.46
CA ALA A 424 1.99 11.05 11.77
C ALA A 424 0.54 10.82 12.24
N SER A 425 -0.44 11.56 11.72
CA SER A 425 -1.86 11.30 12.01
C SER A 425 -2.43 10.12 11.24
N PHE A 426 -1.77 9.70 10.17
CA PHE A 426 -2.21 8.59 9.35
C PHE A 426 -1.69 7.27 9.91
N CYS A 427 -0.39 7.16 10.23
CA CYS A 427 0.17 5.89 10.66
C CYS A 427 -0.12 5.55 12.12
N SER A 428 -0.11 6.54 13.01
CA SER A 428 -0.67 6.36 14.33
C SER A 428 -2.18 6.54 14.25
N GLY A 429 -2.83 5.60 13.53
CA GLY A 429 -4.21 5.78 13.07
C GLY A 429 -4.59 4.85 11.93
N PRO A 430 -5.33 5.31 10.91
CA PRO A 430 -5.79 4.49 9.78
C PRO A 430 -4.79 3.63 9.01
N GLY A 431 -3.47 3.89 9.14
CA GLY A 431 -2.46 3.31 8.27
C GLY A 431 -2.61 1.81 8.00
N GLY A 432 -3.00 1.03 9.01
CA GLY A 432 -3.09 -0.42 8.88
C GLY A 432 -4.51 -1.00 9.08
N ILE A 433 -5.51 -0.15 9.39
CA ILE A 433 -6.77 -0.64 9.92
C ILE A 433 -7.77 -1.08 8.84
N PRO A 434 -7.99 -0.36 7.71
CA PRO A 434 -9.00 -0.78 6.73
C PRO A 434 -8.94 -2.22 6.22
N PHE A 435 -7.75 -2.80 6.04
CA PHE A 435 -7.62 -4.19 5.63
C PHE A 435 -7.88 -5.16 6.79
N ILE A 436 -7.80 -4.70 8.05
CA ILE A 436 -8.25 -5.47 9.19
C ILE A 436 -9.78 -5.45 9.27
N LEU A 437 -10.39 -4.25 9.22
CA LEU A 437 -11.84 -4.11 9.31
C LEU A 437 -12.56 -4.89 8.20
N THR A 438 -12.02 -4.88 6.97
CA THR A 438 -12.60 -5.66 5.88
C THR A 438 -12.81 -7.11 6.30
N GLY A 439 -11.92 -7.65 7.15
CA GLY A 439 -12.06 -9.01 7.65
C GLY A 439 -13.11 -9.15 8.76
N GLU A 440 -13.22 -8.16 9.66
CA GLU A 440 -13.99 -8.34 10.90
C GLU A 440 -15.49 -8.10 10.68
N PHE A 441 -15.91 -7.56 9.52
CA PHE A 441 -17.34 -7.38 9.24
C PHE A 441 -18.01 -8.63 8.65
N PHE A 442 -17.24 -9.59 8.11
CA PHE A 442 -17.72 -10.64 7.21
C PHE A 442 -17.29 -12.06 7.62
N GLN A 443 -18.16 -13.05 7.38
CA GLN A 443 -17.85 -14.48 7.56
C GLN A 443 -16.96 -15.01 6.43
N GLN A 444 -16.33 -16.18 6.60
CA GLN A 444 -15.52 -16.80 5.54
C GLN A 444 -16.34 -17.12 4.28
N SER A 445 -17.68 -17.15 4.38
CA SER A 445 -18.59 -17.28 3.25
C SER A 445 -18.53 -16.08 2.31
N GLN A 446 -18.29 -14.88 2.87
CA GLN A 446 -18.37 -13.61 2.15
C GLN A 446 -16.98 -12.99 1.94
N ARG A 447 -16.08 -13.21 2.91
CA ARG A 447 -14.83 -12.47 3.03
C ARG A 447 -13.96 -12.58 1.78
N PRO A 448 -13.81 -13.74 1.10
CA PRO A 448 -13.00 -13.81 -0.13
C PRO A 448 -13.46 -12.89 -1.24
N ALA A 449 -14.78 -12.62 -1.33
CA ALA A 449 -15.33 -11.69 -2.30
C ALA A 449 -15.18 -10.25 -1.80
N ALA A 450 -15.36 -10.00 -0.51
CA ALA A 450 -15.22 -8.66 0.04
C ALA A 450 -13.83 -8.08 -0.22
N PHE A 451 -12.78 -8.91 -0.19
CA PHE A 451 -11.43 -8.45 -0.45
C PHE A 451 -11.19 -8.07 -1.92
N ILE A 452 -12.11 -8.43 -2.84
CA ILE A 452 -12.03 -7.97 -4.22
C ILE A 452 -12.67 -6.58 -4.32
N ILE A 453 -13.79 -6.34 -3.64
CA ILE A 453 -14.40 -5.01 -3.60
C ILE A 453 -13.42 -4.04 -2.92
N ALA A 454 -12.97 -4.38 -1.72
CA ALA A 454 -12.11 -3.51 -0.93
C ALA A 454 -10.71 -3.37 -1.54
N GLY A 455 -10.29 -4.31 -2.40
CA GLY A 455 -9.04 -4.20 -3.14
C GLY A 455 -9.17 -3.37 -4.43
N THR A 456 -10.32 -3.48 -5.12
CA THR A 456 -10.59 -2.71 -6.33
C THR A 456 -10.78 -1.22 -6.02
N VAL A 457 -11.46 -0.88 -4.93
CA VAL A 457 -11.67 0.53 -4.58
C VAL A 457 -10.36 1.19 -4.19
N ASN A 458 -9.47 0.43 -3.56
CA ASN A 458 -8.17 0.92 -3.14
C ASN A 458 -7.34 1.35 -4.35
N TRP A 459 -7.06 0.42 -5.28
CA TRP A 459 -6.22 0.72 -6.42
C TRP A 459 -6.81 1.79 -7.34
N LEU A 460 -8.12 1.77 -7.61
CA LEU A 460 -8.74 2.82 -8.40
C LEU A 460 -8.69 4.18 -7.68
N SER A 461 -8.60 4.21 -6.35
CA SER A 461 -8.46 5.49 -5.65
C SER A 461 -7.01 5.96 -5.62
N ASN A 462 -6.04 5.04 -5.53
CA ASN A 462 -4.63 5.38 -5.65
C ASN A 462 -4.37 5.99 -7.03
N PHE A 463 -4.88 5.35 -8.08
CA PHE A 463 -4.86 5.88 -9.44
C PHE A 463 -5.52 7.27 -9.50
N ALA A 464 -6.74 7.40 -9.00
CA ALA A 464 -7.50 8.63 -9.16
C ALA A 464 -6.92 9.81 -8.39
N VAL A 465 -6.04 9.63 -7.39
CA VAL A 465 -5.38 10.75 -6.71
C VAL A 465 -3.98 10.98 -7.31
N GLY A 466 -3.26 9.91 -7.67
CA GLY A 466 -1.96 10.01 -8.30
C GLY A 466 -2.00 10.65 -9.69
N LEU A 467 -3.07 10.41 -10.47
CA LEU A 467 -3.23 10.98 -11.80
C LEU A 467 -3.72 12.42 -11.75
N LEU A 468 -4.61 12.77 -10.80
CA LEU A 468 -5.24 14.08 -10.82
C LEU A 468 -4.46 15.15 -10.04
N PHE A 469 -3.58 14.79 -9.10
CA PHE A 469 -3.03 15.80 -8.20
C PHE A 469 -2.33 16.95 -8.92
N PRO A 470 -1.46 16.73 -9.95
CA PRO A 470 -0.84 17.84 -10.69
C PRO A 470 -1.81 18.84 -11.29
N PHE A 471 -3.02 18.36 -11.65
CA PHE A 471 -4.05 19.19 -12.28
C PHE A 471 -4.91 19.92 -11.25
N ILE A 472 -5.10 19.35 -10.06
CA ILE A 472 -5.75 20.04 -8.96
C ILE A 472 -4.84 21.19 -8.54
N GLN A 473 -3.55 20.89 -8.32
CA GLN A 473 -2.56 21.84 -7.83
C GLN A 473 -2.41 23.04 -8.77
N LYS A 474 -2.35 22.79 -10.09
CA LYS A 474 -2.23 23.83 -11.10
C LYS A 474 -3.45 24.74 -11.15
N SER A 475 -4.65 24.22 -10.78
CA SER A 475 -5.92 24.92 -10.92
C SER A 475 -6.31 25.74 -9.69
N LEU A 476 -5.78 25.38 -8.50
CA LEU A 476 -6.14 26.05 -7.24
C LEU A 476 -4.93 26.68 -6.53
N ASP A 477 -3.70 26.31 -6.92
CA ASP A 477 -2.47 26.76 -6.28
C ASP A 477 -2.50 26.46 -4.77
N THR A 478 -2.47 27.48 -3.90
CA THR A 478 -2.26 27.26 -2.46
C THR A 478 -3.48 26.61 -1.81
N TYR A 479 -4.66 26.68 -2.44
CA TYR A 479 -5.88 26.11 -1.86
C TYR A 479 -6.10 24.64 -2.26
N CYS A 480 -5.15 24.00 -2.93
CA CYS A 480 -5.35 22.65 -3.45
C CYS A 480 -5.62 21.64 -2.33
N PHE A 481 -5.10 21.88 -1.11
CA PHE A 481 -5.29 20.94 -0.02
C PHE A 481 -6.68 21.04 0.63
N LEU A 482 -7.52 22.01 0.24
CA LEU A 482 -8.88 22.01 0.76
C LEU A 482 -9.70 20.84 0.17
N VAL A 483 -9.26 20.22 -0.93
CA VAL A 483 -9.92 19.04 -1.48
C VAL A 483 -9.73 17.86 -0.51
N PHE A 484 -8.48 17.60 -0.08
CA PHE A 484 -8.21 16.52 0.85
C PHE A 484 -8.78 16.81 2.25
N ALA A 485 -8.89 18.09 2.63
CA ALA A 485 -9.60 18.48 3.85
C ALA A 485 -11.08 18.12 3.76
N THR A 486 -11.72 18.36 2.60
CA THR A 486 -13.14 18.09 2.41
C THR A 486 -13.45 16.60 2.40
N ILE A 487 -12.55 15.79 1.80
CA ILE A 487 -12.74 14.36 1.75
C ILE A 487 -12.45 13.70 3.11
N CYS A 488 -11.37 14.07 3.81
CA CYS A 488 -11.11 13.52 5.12
C CYS A 488 -12.25 13.81 6.09
N ILE A 489 -12.72 15.06 6.20
CA ILE A 489 -13.79 15.39 7.14
C ILE A 489 -15.11 14.73 6.74
N THR A 490 -15.37 14.51 5.43
CA THR A 490 -16.54 13.75 5.00
C THR A 490 -16.42 12.27 5.40
N GLY A 491 -15.22 11.69 5.33
CA GLY A 491 -14.97 10.36 5.85
C GLY A 491 -15.22 10.27 7.36
N ALA A 492 -14.72 11.24 8.14
CA ALA A 492 -14.86 11.24 9.58
C ALA A 492 -16.29 11.48 10.03
N ILE A 493 -17.05 12.36 9.36
CA ILE A 493 -18.45 12.58 9.72
C ILE A 493 -19.27 11.34 9.38
N TYR A 494 -18.98 10.69 8.25
CA TYR A 494 -19.64 9.42 7.91
C TYR A 494 -19.38 8.35 8.98
N LEU A 495 -18.12 8.00 9.26
CA LEU A 495 -17.82 6.89 10.15
C LEU A 495 -18.32 7.17 11.56
N TYR A 496 -18.40 8.43 12.00
CA TYR A 496 -19.04 8.75 13.27
C TYR A 496 -20.50 8.26 13.27
N PHE A 497 -21.28 8.55 12.22
CA PHE A 497 -22.68 8.18 12.20
C PHE A 497 -22.94 6.73 11.79
N VAL A 498 -21.90 5.89 11.50
CA VAL A 498 -22.15 4.52 11.05
C VAL A 498 -21.32 3.45 11.78
N LEU A 499 -19.99 3.58 11.87
CA LEU A 499 -19.09 2.46 12.20
C LEU A 499 -19.28 2.00 13.67
N PRO A 500 -19.78 0.76 13.91
CA PRO A 500 -19.85 0.22 15.27
C PRO A 500 -18.48 -0.32 15.71
N GLU A 501 -18.18 -0.19 17.01
CA GLU A 501 -16.88 -0.58 17.56
C GLU A 501 -16.64 -2.09 17.31
N THR A 502 -15.36 -2.47 17.18
CA THR A 502 -14.99 -3.78 16.68
C THR A 502 -14.02 -4.52 17.63
N LYS A 503 -13.30 -3.80 18.50
CA LYS A 503 -12.36 -4.42 19.43
C LYS A 503 -13.13 -5.17 20.53
N ASN A 504 -12.75 -6.45 20.74
CA ASN A 504 -13.33 -7.35 21.74
C ASN A 504 -14.84 -7.56 21.50
N ARG A 505 -15.30 -7.44 20.24
CA ARG A 505 -16.69 -7.72 19.88
C ARG A 505 -16.71 -8.92 18.91
N THR A 506 -17.71 -9.80 19.05
CA THR A 506 -17.87 -10.96 18.19
C THR A 506 -18.54 -10.58 16.88
N TYR A 507 -18.41 -11.45 15.86
CA TYR A 507 -19.12 -11.31 14.60
C TYR A 507 -20.64 -11.23 14.83
N ALA A 508 -21.13 -11.98 15.81
CA ALA A 508 -22.55 -12.01 16.16
C ALA A 508 -23.06 -10.66 16.68
N GLU A 509 -22.20 -9.91 17.38
CA GLU A 509 -22.56 -8.61 17.94
C GLU A 509 -22.47 -7.51 16.88
N ILE A 510 -21.41 -7.53 16.06
CA ILE A 510 -21.19 -6.53 15.01
C ILE A 510 -22.33 -6.58 14.02
N SER A 511 -22.66 -7.78 13.50
CA SER A 511 -23.70 -7.93 12.50
C SER A 511 -25.07 -7.51 13.05
N GLN A 512 -25.32 -7.71 14.35
CA GLN A 512 -26.56 -7.28 14.99
C GLN A 512 -26.66 -5.75 14.97
N ALA A 513 -25.55 -5.03 15.21
CA ALA A 513 -25.54 -3.57 15.19
C ALA A 513 -25.89 -3.01 13.81
N PHE A 514 -25.32 -3.59 12.73
CA PHE A 514 -25.65 -3.19 11.38
C PHE A 514 -27.07 -3.55 10.96
N SER A 515 -27.70 -4.58 11.58
CA SER A 515 -29.03 -5.02 11.19
C SER A 515 -30.05 -3.87 11.31
N LYS A 516 -29.81 -2.92 12.21
CA LYS A 516 -30.71 -1.79 12.44
C LYS A 516 -30.82 -0.88 11.20
N ARG A 517 -29.84 -0.95 10.26
CA ARG A 517 -29.84 -0.12 9.06
C ARG A 517 -29.83 -0.95 7.76
N ASN A 518 -29.38 -2.21 7.81
CA ASN A 518 -29.59 -3.16 6.72
C ASN A 518 -31.09 -3.45 6.53
N LYS A 519 -31.85 -3.52 7.64
CA LYS A 519 -33.28 -3.80 7.69
C LYS A 519 -33.62 -5.18 7.13
N ALA A 520 -32.66 -6.12 7.21
CA ALA A 520 -32.84 -7.48 6.71
C ALA A 520 -31.88 -8.44 7.42
N TYR A 521 -32.17 -9.76 7.33
CA TYR A 521 -31.40 -10.80 7.98
C TYR A 521 -31.10 -11.95 7.00
N PRO A 522 -30.03 -12.75 7.23
CA PRO A 522 -29.64 -13.84 6.33
C PRO A 522 -30.70 -14.94 6.05
C1 NAG B . 11.81 21.51 -23.99
C2 NAG B . 11.22 22.63 -23.16
C3 NAG B . 11.50 23.98 -23.81
C4 NAG B . 12.99 24.13 -24.11
C5 NAG B . 13.48 22.95 -24.92
C6 NAG B . 14.98 22.98 -25.14
C7 NAG B . 9.21 22.14 -21.82
C8 NAG B . 7.73 22.32 -21.77
N2 NAG B . 9.80 22.48 -22.97
O3 NAG B . 11.04 25.03 -22.97
O4 NAG B . 13.18 25.34 -24.87
O5 NAG B . 13.19 21.72 -24.23
O6 NAG B . 15.44 21.79 -25.79
O7 NAG B . 9.86 21.68 -20.88
C1 NAG B . 13.99 26.32 -24.32
C2 NAG B . 14.28 27.32 -25.43
C3 NAG B . 15.10 28.48 -24.88
C4 NAG B . 14.40 29.10 -23.69
C5 NAG B . 14.11 28.03 -22.64
C6 NAG B . 13.29 28.56 -21.48
C7 NAG B . 14.33 26.42 -27.70
C8 NAG B . 15.15 25.71 -28.74
N2 NAG B . 14.94 26.68 -26.54
O3 NAG B . 15.32 29.44 -25.91
O4 NAG B . 15.24 30.11 -23.12
O5 NAG B . 13.33 26.97 -23.23
O6 NAG B . 12.02 29.02 -21.91
O7 NAG B . 13.16 26.73 -27.90
N1 URC C . 2.19 3.85 4.57
C2 URC C . 1.61 2.81 5.27
C6 URC C . 1.88 4.18 3.25
N3 URC C . 0.67 2.04 4.64
O11 URC C . 1.92 2.56 6.42
C4 URC C . 0.31 2.30 3.38
C5 URC C . 0.90 3.36 2.66
N9 URC C . -0.58 1.68 2.54
O13 URC C . 2.45 5.13 2.70
N7 URC C . 0.33 3.36 1.41
C8 URC C . -0.57 2.34 1.35
O24 URC C . -1.26 2.05 0.36
#